data_7DEN
#
_entry.id   7DEN
#
_cell.length_a   36.150
_cell.length_b   66.310
_cell.length_c   63.520
_cell.angle_alpha   90.00
_cell.angle_beta   90.75
_cell.angle_gamma   90.00
#
_symmetry.space_group_name_H-M   'P 1 21 1'
#
loop_
_entity.id
_entity.type
_entity.pdbx_description
1 polymer 'UDP-3-O-acyl-N-acetylglucosamine deacetylase'
2 non-polymer 'ZINC ION'
3 non-polymer '4-[(1~{R},5~{S})-6-[2-[4-[3-[[2-[(1~{S})-1-oxidanylethyl]imidazol-1-yl]methyl]-1,2-oxazol-5-yl]phenyl]ethynyl]-3-azabicyclo[3.1.0]hexan-3-yl]butanoic acid'
4 water water
#
_entity_poly.entity_id   1
_entity_poly.type   'polypeptide(L)'
_entity_poly.pdbx_seq_one_letter_code
;MIKQRTLKNIIRATGVGLHSGEKVYLTLKPAPVDTGIVFSRTDLDPVVEIPARAENVGETTMSTTLVKGDVKVDTVEHLL
SAMAGLGIDNAYVELSASEVPIMDGSAGPFVFLIQSAGLQEQEAAKKFIRIKREVSVEEGDKRAVFVPFDGFKVSFEIDF
DHPVFRGRTQQASVDFSSTSFVKEVSRARTFGFMRDIEYLRSQNLALGGSVENAIVVDENRVLNEDGLRYEDEFVKHKIL
DAIGDLYLLGNSLIGEFRGFKSGHALNNQLLRTLIADKDAWEVVTFEDARTAPISYMRP
;
_entity_poly.pdbx_strand_id   A
#
# COMPACT_ATOMS: atom_id res chain seq x y z
N MET A 1 -11.01 -23.86 3.73
CA MET A 1 -9.81 -23.18 4.25
C MET A 1 -9.48 -21.96 3.45
N ILE A 2 -8.88 -20.97 4.08
CA ILE A 2 -8.48 -19.85 3.29
C ILE A 2 -7.08 -20.18 2.74
N LYS A 3 -6.98 -20.20 1.41
CA LYS A 3 -5.78 -20.60 0.70
C LYS A 3 -4.95 -19.44 0.26
N GLN A 4 -3.66 -19.63 0.13
CA GLN A 4 -2.81 -18.59 -0.47
C GLN A 4 -3.25 -18.28 -1.92
N ARG A 5 -2.98 -17.08 -2.38
CA ARG A 5 -3.22 -16.68 -3.79
C ARG A 5 -2.04 -16.08 -4.51
N THR A 6 -1.89 -16.44 -5.77
CA THR A 6 -0.98 -15.75 -6.66
C THR A 6 -1.75 -15.22 -7.88
N LEU A 7 -1.06 -14.64 -8.87
CA LEU A 7 -1.68 -14.30 -10.14
C LEU A 7 -1.91 -15.52 -11.06
N LYS A 8 -3.01 -15.52 -11.78
CA LYS A 8 -3.28 -16.57 -12.77
C LYS A 8 -2.47 -16.33 -14.03
N ASN A 9 -2.23 -15.06 -14.37
CA ASN A 9 -1.51 -14.66 -15.61
C ASN A 9 -0.66 -13.46 -15.28
N ILE A 10 0.31 -13.18 -16.13
CA ILE A 10 1.18 -12.05 -15.87
C ILE A 10 0.45 -10.74 -16.22
N ILE A 11 0.86 -9.69 -15.54
CA ILE A 11 0.31 -8.34 -15.77
C ILE A 11 1.47 -7.49 -16.28
N ARG A 12 1.20 -6.72 -17.33
CA ARG A 12 2.19 -5.77 -17.87
C ARG A 12 1.58 -4.40 -17.84
N ALA A 13 2.33 -3.45 -17.35
CA ALA A 13 1.90 -2.05 -17.32
C ALA A 13 3.11 -1.16 -17.60
N THR A 14 2.85 0.04 -18.10
CA THR A 14 3.91 1.04 -18.22
C THR A 14 3.38 2.36 -17.64
N GLY A 15 4.27 3.22 -17.23
CA GLY A 15 3.89 4.51 -16.73
C GLY A 15 5.11 5.25 -16.25
N VAL A 16 4.91 6.20 -15.32
CA VAL A 16 5.97 7.12 -14.95
C VAL A 16 6.13 7.09 -13.44
N GLY A 17 7.35 7.23 -12.98
CA GLY A 17 7.64 7.46 -11.56
C GLY A 17 7.14 8.83 -11.05
N LEU A 18 6.36 8.83 -9.97
CA LEU A 18 5.84 10.05 -9.40
C LEU A 18 6.96 11.01 -9.03
N HIS A 19 7.96 10.48 -8.37
CA HIS A 19 9.14 11.24 -7.98
C HIS A 19 10.27 11.37 -8.97
N SER A 20 10.66 10.27 -9.62
CA SER A 20 11.78 10.31 -10.56
C SER A 20 11.37 10.91 -11.91
N GLY A 21 10.08 10.85 -12.24
CA GLY A 21 9.65 11.19 -13.58
C GLY A 21 10.11 10.24 -14.68
N GLU A 22 10.71 9.09 -14.32
CA GLU A 22 11.21 8.13 -15.31
C GLU A 22 10.07 7.23 -15.83
N LYS A 23 10.18 6.85 -17.08
CA LYS A 23 9.33 5.85 -17.67
C LYS A 23 9.75 4.46 -17.15
N VAL A 24 8.76 3.63 -16.85
CA VAL A 24 9.02 2.36 -16.21
C VAL A 24 8.06 1.34 -16.78
N TYR A 25 8.60 0.15 -17.03
CA TYR A 25 7.81 -0.99 -17.43
C TYR A 25 7.75 -1.92 -16.25
N LEU A 26 6.53 -2.34 -15.94
CA LEU A 26 6.22 -3.15 -14.80
C LEU A 26 5.62 -4.50 -15.25
N THR A 27 6.07 -5.58 -14.62
CA THR A 27 5.48 -6.89 -14.78
C THR A 27 5.22 -7.53 -13.45
N LEU A 28 4.00 -8.03 -13.28
CA LEU A 28 3.67 -8.88 -12.13
C LEU A 28 3.58 -10.31 -12.62
N LYS A 29 4.29 -11.21 -11.94
CA LYS A 29 4.28 -12.60 -12.31
C LYS A 29 3.81 -13.50 -11.16
N PRO A 30 3.24 -14.68 -11.51
CA PRO A 30 2.97 -15.66 -10.44
C PRO A 30 4.22 -16.05 -9.67
N ALA A 31 4.03 -16.47 -8.44
CA ALA A 31 5.11 -16.97 -7.59
C ALA A 31 4.63 -18.11 -6.76
N PRO A 32 5.56 -19.00 -6.32
CA PRO A 32 5.18 -20.13 -5.47
C PRO A 32 4.69 -19.77 -4.08
N VAL A 33 4.07 -20.77 -3.47
CA VAL A 33 3.59 -20.70 -2.06
C VAL A 33 4.67 -20.21 -1.13
N ASP A 34 4.32 -19.32 -0.19
CA ASP A 34 5.26 -18.74 0.77
C ASP A 34 6.41 -17.90 0.20
N THR A 35 6.27 -17.39 -1.02
CA THR A 35 7.25 -16.47 -1.55
C THR A 35 7.11 -15.07 -0.99
N GLY A 36 5.87 -14.61 -0.80
CA GLY A 36 5.65 -13.21 -0.43
C GLY A 36 5.67 -12.41 -1.73
N ILE A 37 5.66 -11.09 -1.59
CA ILE A 37 5.76 -10.21 -2.68
C ILE A 37 7.23 -9.80 -2.77
N VAL A 38 7.82 -9.96 -3.96
CA VAL A 38 9.23 -9.68 -4.12
C VAL A 38 9.40 -8.75 -5.30
N PHE A 39 10.06 -7.62 -5.08
CA PHE A 39 10.33 -6.67 -6.14
C PHE A 39 11.68 -7.01 -6.77
N SER A 40 11.81 -6.76 -8.08
CA SER A 40 13.01 -7.10 -8.83
C SER A 40 13.37 -5.97 -9.81
N ARG A 41 14.55 -5.42 -9.63
CA ARG A 41 15.11 -4.44 -10.57
C ARG A 41 15.76 -5.21 -11.71
N THR A 42 15.01 -5.35 -12.78
CA THR A 42 15.44 -6.15 -13.94
C THR A 42 16.25 -5.30 -14.91
N ASP A 43 16.40 -4.01 -14.65
CA ASP A 43 17.30 -3.18 -15.49
C ASP A 43 18.79 -3.42 -15.11
N LEU A 44 19.03 -3.97 -13.94
CA LEU A 44 20.36 -4.15 -13.43
C LEU A 44 20.85 -5.51 -13.87
N ASP A 45 22.18 -5.63 -13.97
CA ASP A 45 22.78 -6.94 -14.29
C ASP A 45 23.93 -7.18 -13.33
N PRO A 46 23.80 -8.12 -12.38
CA PRO A 46 22.60 -8.97 -12.19
C PRO A 46 21.34 -8.22 -11.66
N VAL A 47 20.25 -8.92 -11.81
CA VAL A 47 18.97 -8.51 -11.29
C VAL A 47 19.04 -8.42 -9.75
N VAL A 48 18.49 -7.35 -9.17
CA VAL A 48 18.47 -7.19 -7.70
C VAL A 48 17.05 -7.32 -7.16
N GLU A 49 16.85 -8.33 -6.28
CA GLU A 49 15.55 -8.70 -5.79
C GLU A 49 15.43 -8.24 -4.35
N ILE A 50 14.28 -7.63 -4.01
CA ILE A 50 14.09 -7.04 -2.69
C ILE A 50 12.68 -7.45 -2.22
N PRO A 51 12.62 -8.40 -1.27
CA PRO A 51 11.35 -8.77 -0.67
C PRO A 51 10.64 -7.55 -0.09
N ALA A 52 9.33 -7.48 -0.28
CA ALA A 52 8.51 -6.41 0.24
C ALA A 52 8.20 -6.68 1.72
N ARG A 53 9.22 -6.43 2.55
CA ARG A 53 9.14 -6.64 3.99
C ARG A 53 9.66 -5.41 4.74
N ALA A 54 9.17 -5.24 5.96
CA ALA A 54 9.50 -4.09 6.81
C ALA A 54 10.99 -3.86 7.00
N GLU A 55 11.75 -4.93 7.15
CA GLU A 55 13.23 -4.89 7.30
C GLU A 55 13.98 -4.32 6.13
N ASN A 56 13.36 -4.21 4.94
CA ASN A 56 14.00 -3.64 3.75
C ASN A 56 13.54 -2.22 3.49
N VAL A 57 12.80 -1.62 4.43
CA VAL A 57 12.35 -0.25 4.19
C VAL A 57 13.50 0.75 4.42
N GLY A 58 13.82 1.56 3.42
CA GLY A 58 14.95 2.50 3.55
C GLY A 58 14.54 3.94 3.78
N GLU A 59 13.80 4.46 2.86
CA GLU A 59 13.52 5.88 2.83
C GLU A 59 12.02 5.98 3.04
N THR A 60 11.64 6.92 3.90
CA THR A 60 10.23 7.00 4.22
C THR A 60 9.77 8.43 4.20
N THR A 61 10.28 9.25 3.29
CA THR A 61 9.84 10.63 3.29
C THR A 61 8.51 10.85 2.57
N MET A 62 8.55 10.89 1.24
CA MET A 62 7.36 11.20 0.47
C MET A 62 6.78 9.96 -0.19
N SER A 63 7.30 8.77 0.11
CA SER A 63 6.78 7.49 -0.34
C SER A 63 7.46 6.37 0.45
N THR A 64 7.05 5.13 0.24
CA THR A 64 7.76 4.04 0.88
C THR A 64 8.73 3.48 -0.09
N THR A 65 9.96 3.32 0.35
CA THR A 65 11.05 2.85 -0.46
C THR A 65 11.66 1.63 0.12
N LEU A 66 11.95 0.66 -0.76
CA LEU A 66 12.70 -0.53 -0.41
C LEU A 66 14.15 -0.41 -0.88
N VAL A 67 15.08 -0.98 -0.11
CA VAL A 67 16.50 -0.74 -0.32
C VAL A 67 17.26 -2.03 -0.05
N LYS A 68 18.25 -2.33 -0.89
CA LYS A 68 19.20 -3.38 -0.64
C LYS A 68 20.52 -2.84 -1.18
N GLY A 69 21.48 -2.65 -0.29
CA GLY A 69 22.71 -1.95 -0.58
C GLY A 69 22.43 -0.57 -1.11
N ASP A 70 22.96 -0.25 -2.27
CA ASP A 70 22.73 1.05 -2.92
C ASP A 70 21.59 1.03 -3.96
N VAL A 71 20.82 -0.07 -4.05
CA VAL A 71 19.71 -0.22 -5.00
C VAL A 71 18.38 0.03 -4.28
N LYS A 72 17.48 0.74 -4.95
CA LYS A 72 16.18 1.13 -4.37
C LYS A 72 15.02 0.74 -5.26
N VAL A 73 13.87 0.53 -4.66
CA VAL A 73 12.62 0.39 -5.34
C VAL A 73 11.71 1.38 -4.63
N ASP A 74 11.31 2.40 -5.35
CA ASP A 74 10.55 3.49 -4.75
C ASP A 74 9.05 3.41 -4.99
N THR A 75 8.30 3.95 -4.05
CA THR A 75 6.87 4.15 -4.14
C THR A 75 6.16 2.86 -4.31
N VAL A 76 6.31 1.99 -3.33
CA VAL A 76 5.68 0.68 -3.38
C VAL A 76 4.27 0.60 -2.87
N GLU A 77 3.86 1.64 -2.14
CA GLU A 77 2.67 1.55 -1.32
C GLU A 77 1.36 1.43 -2.05
N HIS A 78 1.22 2.03 -3.24
CA HIS A 78 -0.07 1.91 -3.94
C HIS A 78 -0.26 0.52 -4.56
N LEU A 79 0.81 -0.02 -5.11
CA LEU A 79 0.76 -1.38 -5.64
C LEU A 79 0.57 -2.39 -4.51
N LEU A 80 1.32 -2.23 -3.42
CA LEU A 80 1.10 -3.11 -2.26
C LEU A 80 -0.33 -3.08 -1.75
N SER A 81 -0.93 -1.88 -1.78
CA SER A 81 -2.28 -1.74 -1.31
C SER A 81 -3.22 -2.57 -2.17
N ALA A 82 -3.03 -2.46 -3.48
CA ALA A 82 -3.82 -3.25 -4.44
C ALA A 82 -3.71 -4.75 -4.13
N MET A 83 -2.50 -5.20 -3.84
CA MET A 83 -2.24 -6.61 -3.54
C MET A 83 -2.84 -7.09 -2.20
N ALA A 84 -2.80 -6.26 -1.16
CA ALA A 84 -3.48 -6.54 0.09
C ALA A 84 -4.99 -6.55 -0.09
N GLY A 85 -5.53 -5.57 -0.81
CA GLY A 85 -6.96 -5.54 -1.01
C GLY A 85 -7.47 -6.75 -1.80
N LEU A 86 -6.68 -7.32 -2.70
CA LEU A 86 -7.13 -8.50 -3.46
C LEU A 86 -6.70 -9.83 -2.87
N GLY A 87 -5.94 -9.78 -1.74
CA GLY A 87 -5.54 -10.98 -1.09
C GLY A 87 -4.40 -11.72 -1.80
N ILE A 88 -3.50 -11.00 -2.47
CA ILE A 88 -2.39 -11.63 -3.17
C ILE A 88 -1.24 -11.86 -2.19
N ASP A 89 -0.94 -13.12 -1.93
CA ASP A 89 0.19 -13.51 -1.08
C ASP A 89 1.56 -13.54 -1.77
N ASN A 90 1.61 -14.05 -2.98
CA ASN A 90 2.85 -14.40 -3.63
C ASN A 90 2.87 -13.82 -5.04
N ALA A 91 3.92 -13.07 -5.35
CA ALA A 91 4.07 -12.45 -6.66
C ALA A 91 5.46 -11.88 -6.80
N TYR A 92 5.98 -11.90 -8.03
CA TYR A 92 7.21 -11.16 -8.36
C TYR A 92 6.76 -9.91 -9.07
N VAL A 93 7.39 -8.78 -8.73
CA VAL A 93 7.10 -7.53 -9.34
C VAL A 93 8.40 -7.07 -9.98
N GLU A 94 8.47 -7.13 -11.29
CA GLU A 94 9.62 -6.67 -12.03
C GLU A 94 9.44 -5.25 -12.53
N LEU A 95 10.52 -4.50 -12.45
CA LEU A 95 10.55 -3.10 -12.75
C LEU A 95 11.80 -2.84 -13.50
N SER A 96 11.65 -2.03 -14.54
CA SER A 96 12.75 -1.60 -15.41
C SER A 96 13.46 -0.30 -14.95
N ALA A 97 13.08 0.22 -13.81
CA ALA A 97 13.66 1.40 -13.24
C ALA A 97 13.33 1.42 -11.75
N SER A 98 13.83 2.45 -11.06
CA SER A 98 13.85 2.44 -9.62
C SER A 98 12.49 2.66 -8.97
N GLU A 99 11.45 3.05 -9.71
CA GLU A 99 10.21 3.50 -9.12
C GLU A 99 9.00 2.83 -9.76
N VAL A 100 8.07 2.35 -8.93
CA VAL A 100 6.82 1.79 -9.39
C VAL A 100 6.05 2.89 -10.13
N PRO A 101 5.42 2.56 -11.28
CA PRO A 101 4.63 3.60 -11.92
C PRO A 101 3.44 4.08 -11.12
N ILE A 102 3.22 5.37 -11.20
CA ILE A 102 2.17 6.01 -10.44
C ILE A 102 0.75 5.79 -11.03
N MET A 103 0.66 5.51 -12.33
CA MET A 103 -0.59 5.27 -13.05
C MET A 103 -1.47 6.56 -12.95
N ASP A 104 -2.73 6.44 -12.53
CA ASP A 104 -3.61 7.63 -12.25
C ASP A 104 -3.52 8.17 -10.80
N GLY A 105 -2.53 7.70 -10.03
CA GLY A 105 -2.32 8.10 -8.63
C GLY A 105 -2.98 7.26 -7.58
N SER A 106 -3.77 6.28 -8.03
CA SER A 106 -4.57 5.45 -7.11
C SER A 106 -4.16 4.02 -7.33
N ALA A 107 -4.83 3.11 -6.64
CA ALA A 107 -4.57 1.68 -6.81
C ALA A 107 -5.49 1.08 -7.91
N GLY A 108 -6.39 1.91 -8.47
CA GLY A 108 -7.49 1.49 -9.37
C GLY A 108 -6.97 0.74 -10.56
N PRO A 109 -6.04 1.36 -11.30
CA PRO A 109 -5.49 0.67 -12.47
C PRO A 109 -4.80 -0.66 -12.15
N PHE A 110 -4.07 -0.72 -11.06
CA PHE A 110 -3.48 -2.00 -10.65
C PHE A 110 -4.54 -3.02 -10.31
N VAL A 111 -5.58 -2.64 -9.60
CA VAL A 111 -6.61 -3.62 -9.30
C VAL A 111 -7.32 -4.11 -10.55
N PHE A 112 -7.55 -3.21 -11.50
CA PHE A 112 -8.21 -3.61 -12.74
C PHE A 112 -7.32 -4.58 -13.53
N LEU A 113 -6.04 -4.25 -13.70
CA LEU A 113 -5.15 -5.17 -14.38
C LEU A 113 -5.06 -6.52 -13.72
N ILE A 114 -4.99 -6.56 -12.39
CA ILE A 114 -4.89 -7.79 -11.71
C ILE A 114 -6.14 -8.63 -11.90
N GLN A 115 -7.28 -8.03 -11.66
CA GLN A 115 -8.50 -8.72 -11.75
C GLN A 115 -8.83 -9.13 -13.22
N SER A 116 -8.33 -8.41 -14.23
CA SER A 116 -8.45 -8.83 -15.61
C SER A 116 -7.59 -10.09 -15.87
N ALA A 117 -6.37 -10.11 -15.36
CA ALA A 117 -5.53 -11.32 -15.41
C ALA A 117 -6.14 -12.49 -14.58
N GLY A 118 -6.71 -12.19 -13.42
CA GLY A 118 -7.31 -13.25 -12.61
C GLY A 118 -6.32 -13.68 -11.54
N LEU A 119 -6.85 -14.29 -10.49
CA LEU A 119 -6.04 -14.91 -9.44
C LEU A 119 -6.11 -16.41 -9.41
N GLN A 120 -5.15 -17.02 -8.74
CA GLN A 120 -5.00 -18.47 -8.65
C GLN A 120 -4.79 -18.84 -7.18
N GLU A 121 -5.75 -19.60 -6.66
CA GLU A 121 -5.63 -20.14 -5.32
C GLU A 121 -4.59 -21.26 -5.34
N GLN A 122 -3.83 -21.38 -4.26
CA GLN A 122 -2.72 -22.32 -4.21
C GLN A 122 -2.97 -23.25 -3.05
N GLU A 123 -2.39 -24.42 -3.12
CA GLU A 123 -2.71 -25.49 -2.18
C GLU A 123 -1.88 -25.33 -0.88
N ALA A 124 -2.09 -24.21 -0.18
CA ALA A 124 -1.42 -24.02 1.11
C ALA A 124 -2.19 -23.00 1.83
N ALA A 125 -2.38 -23.19 3.11
CA ALA A 125 -3.14 -22.22 3.92
C ALA A 125 -2.50 -20.79 3.92
N LYS A 126 -3.35 -19.78 3.85
CA LYS A 126 -2.93 -18.41 3.97
C LYS A 126 -2.66 -18.15 5.45
N LYS A 127 -1.48 -17.60 5.71
CA LYS A 127 -1.03 -17.22 7.04
C LYS A 127 -1.39 -15.77 7.28
N PHE A 128 -1.97 -15.54 8.45
CA PHE A 128 -2.37 -14.21 8.88
C PHE A 128 -1.57 -13.81 10.10
N ILE A 129 -1.33 -12.53 10.26
CA ILE A 129 -0.81 -12.04 11.53
C ILE A 129 -1.96 -11.46 12.35
N ARG A 130 -2.21 -12.06 13.50
CA ARG A 130 -3.29 -11.63 14.38
C ARG A 130 -2.73 -10.80 15.54
N ILE A 131 -3.28 -9.61 15.71
CA ILE A 131 -2.91 -8.69 16.77
C ILE A 131 -3.56 -9.23 18.07
N LYS A 132 -2.75 -9.60 19.07
CA LYS A 132 -3.28 -9.93 20.37
C LYS A 132 -3.08 -8.91 21.50
N ARG A 133 -2.22 -7.90 21.32
CA ARG A 133 -2.10 -6.80 22.32
C ARG A 133 -2.07 -5.52 21.59
N GLU A 134 -2.47 -4.47 22.27
CA GLU A 134 -2.43 -3.16 21.70
C GLU A 134 -0.97 -2.73 21.56
N VAL A 135 -0.61 -2.18 20.41
CA VAL A 135 0.76 -1.71 20.22
C VAL A 135 0.67 -0.29 19.69
N SER A 136 1.25 0.66 20.38
CA SER A 136 1.13 2.05 19.91
C SER A 136 2.48 2.67 19.79
N VAL A 137 2.71 3.47 18.76
CA VAL A 137 3.94 4.31 18.67
C VAL A 137 3.52 5.73 18.41
N GLU A 138 4.27 6.67 18.96
CA GLU A 138 3.99 8.09 18.83
C GLU A 138 5.29 8.78 18.54
N GLU A 139 5.21 9.87 17.81
CA GLU A 139 6.29 10.83 17.71
C GLU A 139 5.70 12.23 17.49
N GLY A 140 6.00 13.14 18.40
CA GLY A 140 5.35 14.46 18.37
C GLY A 140 3.84 14.31 18.44
N ASP A 141 3.15 14.95 17.50
CA ASP A 141 1.67 14.93 17.47
C ASP A 141 1.11 13.86 16.50
N LYS A 142 1.95 12.90 16.08
CA LYS A 142 1.57 11.77 15.26
C LYS A 142 1.46 10.47 16.09
N ARG A 143 0.50 9.64 15.75
CA ARG A 143 0.32 8.38 16.45
C ARG A 143 -0.21 7.30 15.53
N ALA A 144 0.25 6.08 15.77
CA ALA A 144 -0.15 4.92 14.97
C ALA A 144 -0.28 3.75 15.92
N VAL A 145 -1.39 3.05 15.81
CA VAL A 145 -1.77 2.03 16.78
C VAL A 145 -2.35 0.82 16.08
N PHE A 146 -1.95 -0.35 16.59
CA PHE A 146 -2.61 -1.61 16.34
C PHE A 146 -3.44 -2.03 17.56
N VAL A 147 -4.66 -2.56 17.32
CA VAL A 147 -5.59 -2.95 18.40
C VAL A 147 -6.17 -4.31 18.01
N PRO A 148 -6.32 -5.24 18.98
CA PRO A 148 -6.99 -6.51 18.67
C PRO A 148 -8.38 -6.31 18.10
N PHE A 149 -8.69 -7.05 17.05
CA PHE A 149 -10.00 -6.99 16.43
C PHE A 149 -10.11 -8.23 15.57
N ASP A 150 -11.22 -8.90 15.71
CA ASP A 150 -11.57 -10.08 14.94
C ASP A 150 -12.15 -9.70 13.57
N GLY A 151 -11.25 -9.26 12.68
CA GLY A 151 -11.57 -8.86 11.32
C GLY A 151 -10.39 -8.02 10.85
N PHE A 152 -10.65 -7.10 9.92
CA PHE A 152 -9.64 -6.09 9.51
C PHE A 152 -10.30 -4.77 9.27
N LYS A 153 -9.86 -3.75 10.02
CA LYS A 153 -10.34 -2.38 9.88
C LYS A 153 -9.23 -1.34 10.10
N VAL A 154 -9.38 -0.22 9.40
CA VAL A 154 -8.39 0.86 9.38
C VAL A 154 -9.12 2.16 9.61
N SER A 155 -8.57 3.02 10.47
CA SER A 155 -9.06 4.38 10.70
C SER A 155 -7.90 5.32 10.51
N PHE A 156 -8.19 6.45 9.90
CA PHE A 156 -7.23 7.51 9.76
C PHE A 156 -7.87 8.85 10.09
N GLU A 157 -7.07 9.69 10.67
CA GLU A 157 -7.46 11.02 10.99
C GLU A 157 -6.29 11.99 10.66
N ILE A 158 -6.57 12.99 9.81
CA ILE A 158 -5.59 14.04 9.43
C ILE A 158 -6.03 15.37 9.93
N ASP A 159 -5.09 16.15 10.40
CA ASP A 159 -5.36 17.52 10.82
C ASP A 159 -4.59 18.39 9.85
N PHE A 160 -5.23 18.71 8.72
CA PHE A 160 -4.70 19.66 7.78
C PHE A 160 -5.40 20.98 8.03
N ASP A 161 -4.60 22.01 8.25
CA ASP A 161 -5.10 23.36 8.31
C ASP A 161 -5.06 23.90 6.86
N HIS A 162 -6.14 23.66 6.12
CA HIS A 162 -6.30 24.07 4.70
C HIS A 162 -7.77 24.23 4.29
N PRO A 163 -8.11 25.27 3.47
CA PRO A 163 -9.50 25.52 3.10
C PRO A 163 -10.26 24.40 2.41
N VAL A 164 -9.53 23.53 1.71
CA VAL A 164 -10.14 22.48 0.93
C VAL A 164 -10.92 21.53 1.87
N PHE A 165 -10.57 21.48 3.16
CA PHE A 165 -11.37 20.80 4.20
C PHE A 165 -12.09 21.84 5.07
N GLN A 170 -10.13 15.85 8.55
CA GLN A 170 -10.85 14.78 7.88
C GLN A 170 -10.49 13.46 8.53
N GLN A 171 -11.47 12.59 8.69
CA GLN A 171 -11.20 11.31 9.24
C GLN A 171 -12.10 10.30 8.57
N ALA A 172 -11.72 9.03 8.60
CA ALA A 172 -12.53 7.96 8.02
C ALA A 172 -12.18 6.62 8.63
N SER A 173 -13.15 5.74 8.67
CA SER A 173 -12.97 4.41 9.16
C SER A 173 -13.48 3.48 8.12
N VAL A 174 -12.77 2.38 7.91
CA VAL A 174 -13.17 1.45 6.93
C VAL A 174 -13.05 0.11 7.59
N ASP A 175 -14.08 -0.70 7.51
CA ASP A 175 -14.05 -2.03 8.04
C ASP A 175 -14.35 -2.88 6.88
N PHE A 176 -13.51 -3.85 6.59
CA PHE A 176 -13.72 -4.61 5.40
C PHE A 176 -14.85 -5.68 5.43
N SER A 177 -15.53 -5.84 6.56
CA SER A 177 -16.82 -6.56 6.63
C SER A 177 -17.92 -5.86 5.83
N SER A 178 -17.88 -4.53 5.72
CA SER A 178 -18.88 -3.82 4.91
C SER A 178 -18.34 -2.98 3.76
N THR A 179 -17.24 -2.27 3.96
CA THR A 179 -16.60 -1.47 2.92
C THR A 179 -15.97 -2.37 1.87
N SER A 180 -16.20 -2.01 0.61
CA SER A 180 -15.49 -2.62 -0.52
C SER A 180 -14.19 -1.89 -0.78
N PHE A 181 -13.09 -2.61 -0.65
CA PHE A 181 -11.77 -2.06 -1.04
C PHE A 181 -11.78 -1.50 -2.47
N VAL A 182 -12.30 -2.30 -3.39
CA VAL A 182 -12.34 -1.97 -4.83
C VAL A 182 -13.12 -0.71 -5.11
N LYS A 183 -14.35 -0.62 -4.61
CA LYS A 183 -15.26 0.49 -4.98
C LYS A 183 -15.06 1.72 -4.14
N GLU A 184 -14.63 1.56 -2.89
CA GLU A 184 -14.61 2.70 -1.97
C GLU A 184 -13.25 3.14 -1.57
N VAL A 185 -12.19 2.31 -1.72
CA VAL A 185 -10.83 2.79 -1.42
C VAL A 185 -9.92 2.94 -2.64
N SER A 186 -9.95 1.96 -3.55
CA SER A 186 -8.89 1.77 -4.55
C SER A 186 -8.70 2.97 -5.49
N ARG A 187 -9.78 3.76 -5.70
CA ARG A 187 -9.80 4.88 -6.66
C ARG A 187 -9.33 6.17 -6.10
N ALA A 188 -9.03 6.18 -4.80
CA ALA A 188 -8.62 7.45 -4.18
C ALA A 188 -7.18 7.77 -4.56
N ARG A 189 -6.99 8.98 -5.09
CA ARG A 189 -5.72 9.38 -5.67
C ARG A 189 -4.73 10.09 -4.74
N THR A 190 -3.45 9.91 -5.09
CA THR A 190 -2.37 10.74 -4.65
C THR A 190 -2.80 12.19 -4.69
N PHE A 191 -2.34 12.96 -3.70
CA PHE A 191 -2.60 14.41 -3.69
C PHE A 191 -1.40 15.17 -3.21
N GLY A 192 -1.38 16.45 -3.54
CA GLY A 192 -0.33 17.34 -3.06
C GLY A 192 -0.75 18.79 -3.18
N PHE A 193 0.00 19.64 -2.51
CA PHE A 193 -0.26 21.08 -2.43
C PHE A 193 0.82 21.83 -3.13
N MET A 194 0.43 22.84 -3.90
CA MET A 194 1.32 23.57 -4.79
C MET A 194 2.62 24.08 -4.16
N ARG A 195 2.55 24.68 -2.97
CA ARG A 195 3.76 25.20 -2.32
C ARG A 195 4.75 24.05 -2.03
N ASP A 196 4.26 22.90 -1.55
CA ASP A 196 5.12 21.72 -1.25
C ASP A 196 5.66 21.06 -2.51
N ILE A 197 4.78 20.95 -3.50
CA ILE A 197 5.13 20.31 -4.76
C ILE A 197 6.34 21.04 -5.39
N GLU A 198 6.32 22.36 -5.38
CA GLU A 198 7.44 23.16 -5.89
C GLU A 198 8.67 23.07 -4.95
N TYR A 199 8.48 23.01 -3.64
CA TYR A 199 9.62 22.67 -2.80
C TYR A 199 10.23 21.32 -3.26
N LEU A 200 9.37 20.30 -3.42
CA LEU A 200 9.83 18.97 -3.80
C LEU A 200 10.60 18.98 -5.09
N ARG A 201 10.02 19.63 -6.10
CA ARG A 201 10.64 19.74 -7.40
C ARG A 201 12.03 20.41 -7.32
N SER A 202 12.15 21.42 -6.45
CA SER A 202 13.42 22.10 -6.19
C SER A 202 14.48 21.17 -5.55
N GLN A 203 14.01 20.12 -4.87
CA GLN A 203 14.87 19.09 -4.30
C GLN A 203 14.89 17.83 -5.15
N ASN A 204 14.60 18.00 -6.45
CA ASN A 204 14.60 16.92 -7.43
C ASN A 204 13.63 15.75 -7.17
N LEU A 205 12.53 16.07 -6.52
CA LEU A 205 11.50 15.12 -6.27
C LEU A 205 10.21 15.61 -6.96
N ALA A 206 9.21 14.74 -6.94
CA ALA A 206 7.93 15.02 -7.55
C ALA A 206 7.97 15.26 -9.06
N LEU A 207 8.98 14.71 -9.72
CA LEU A 207 9.23 15.06 -11.14
C LEU A 207 8.18 14.55 -12.10
N GLY A 208 7.50 13.46 -11.76
CA GLY A 208 6.44 12.95 -12.64
C GLY A 208 5.05 13.39 -12.31
N GLY A 209 4.89 14.22 -11.27
CA GLY A 209 3.57 14.57 -10.82
C GLY A 209 2.87 15.53 -11.76
N SER A 210 1.59 15.28 -12.02
CA SER A 210 0.77 16.17 -12.79
C SER A 210 -0.67 15.86 -12.46
N VAL A 211 -1.57 16.70 -12.98
CA VAL A 211 -3.00 16.49 -12.75
C VAL A 211 -3.47 15.15 -13.33
N GLU A 212 -2.67 14.54 -14.22
CA GLU A 212 -2.94 13.19 -14.74
C GLU A 212 -2.79 12.11 -13.72
N ASN A 213 -2.00 12.31 -12.66
CA ASN A 213 -1.77 11.24 -11.69
C ASN A 213 -1.89 11.69 -10.22
N ALA A 214 -2.42 12.89 -9.99
CA ALA A 214 -2.60 13.42 -8.65
C ALA A 214 -3.71 14.52 -8.60
N ILE A 215 -4.37 14.62 -7.47
CA ILE A 215 -5.19 15.79 -7.14
C ILE A 215 -4.18 16.89 -6.79
N VAL A 216 -4.25 18.02 -7.49
CA VAL A 216 -3.34 19.11 -7.27
C VAL A 216 -4.19 20.19 -6.57
N VAL A 217 -3.71 20.65 -5.42
CA VAL A 217 -4.39 21.69 -4.61
C VAL A 217 -3.55 22.97 -4.49
N ASP A 218 -4.12 24.13 -4.88
CA ASP A 218 -3.50 25.44 -4.53
C ASP A 218 -3.91 25.84 -3.10
N GLU A 219 -3.85 27.13 -2.82
CA GLU A 219 -4.17 27.58 -1.49
C GLU A 219 -5.65 27.38 -1.14
N ASN A 220 -6.54 27.32 -2.15
CA ASN A 220 -7.96 27.22 -1.87
C ASN A 220 -8.67 25.98 -2.30
N ARG A 221 -8.39 25.54 -3.53
CA ARG A 221 -9.15 24.49 -4.11
C ARG A 221 -8.41 23.46 -4.97
N VAL A 222 -9.12 22.36 -5.22
CA VAL A 222 -8.71 21.36 -6.21
C VAL A 222 -8.64 21.97 -7.60
N LEU A 223 -7.50 21.84 -8.27
CA LEU A 223 -7.35 22.40 -9.61
C LEU A 223 -7.67 21.42 -10.73
N ASN A 224 -7.85 20.15 -10.42
CA ASN A 224 -8.19 19.18 -11.46
C ASN A 224 -9.58 19.57 -11.97
N GLU A 225 -9.68 19.81 -13.27
CA GLU A 225 -10.97 20.14 -13.96
C GLU A 225 -12.13 19.24 -13.57
N ASP A 226 -11.92 17.94 -13.55
CA ASP A 226 -13.02 17.01 -13.29
C ASP A 226 -13.25 16.70 -11.83
N GLY A 227 -12.45 17.26 -10.93
CA GLY A 227 -12.76 17.25 -9.51
C GLY A 227 -12.38 15.93 -8.81
N LEU A 228 -13.19 15.55 -7.85
CA LEU A 228 -12.89 14.54 -6.85
C LEU A 228 -13.75 13.30 -7.14
N ARG A 229 -13.17 12.14 -6.85
CA ARG A 229 -13.83 10.84 -6.99
C ARG A 229 -14.70 10.46 -5.81
N TYR A 230 -14.30 10.90 -4.64
CA TYR A 230 -15.07 10.70 -3.41
C TYR A 230 -15.01 12.04 -2.71
N GLU A 231 -16.00 12.31 -1.91
CA GLU A 231 -16.01 13.57 -1.18
C GLU A 231 -14.88 13.64 -0.15
N ASP A 232 -14.58 12.50 0.47
CA ASP A 232 -13.44 12.39 1.39
C ASP A 232 -12.21 11.71 0.72
N GLU A 233 -11.94 12.06 -0.53
CA GLU A 233 -10.89 11.37 -1.29
C GLU A 233 -9.52 11.40 -0.62
N PHE A 234 -9.18 12.53 0.02
CA PHE A 234 -7.85 12.70 0.59
C PHE A 234 -7.60 11.68 1.70
N VAL A 235 -8.54 11.59 2.61
CA VAL A 235 -8.41 10.69 3.72
C VAL A 235 -8.53 9.23 3.27
N LYS A 236 -9.34 8.96 2.24
CA LYS A 236 -9.48 7.61 1.71
C LYS A 236 -8.16 7.15 1.10
N HIS A 237 -7.42 8.07 0.48
CA HIS A 237 -6.12 7.78 -0.02
C HIS A 237 -5.10 7.48 1.10
N LYS A 238 -5.17 8.21 2.20
CA LYS A 238 -4.34 7.88 3.33
C LYS A 238 -4.59 6.46 3.86
N ILE A 239 -5.86 6.04 3.87
CA ILE A 239 -6.21 4.69 4.23
C ILE A 239 -5.57 3.71 3.22
N LEU A 240 -5.64 4.05 1.94
CA LEU A 240 -4.97 3.25 0.88
C LEU A 240 -3.48 3.11 1.13
N ASP A 241 -2.84 4.24 1.49
CA ASP A 241 -1.38 4.26 1.79
C ASP A 241 -1.05 3.37 2.99
N ALA A 242 -1.83 3.52 4.05
CA ALA A 242 -1.67 2.71 5.30
C ALA A 242 -1.81 1.19 5.01
N ILE A 243 -2.79 0.83 4.17
CA ILE A 243 -2.96 -0.56 3.78
C ILE A 243 -1.74 -1.11 3.08
N GLY A 244 -1.17 -0.35 2.12
CA GLY A 244 0.07 -0.74 1.46
C GLY A 244 1.25 -0.91 2.41
N ASP A 245 1.45 0.08 3.29
CA ASP A 245 2.57 0.05 4.28
C ASP A 245 2.45 -1.13 5.22
N LEU A 246 1.24 -1.44 5.68
CA LEU A 246 0.99 -2.53 6.59
C LEU A 246 1.22 -3.89 5.92
N TYR A 247 1.07 -3.95 4.60
CA TYR A 247 1.31 -5.20 3.91
C TYR A 247 2.79 -5.56 3.91
N LEU A 248 3.64 -4.60 4.24
CA LEU A 248 5.07 -4.91 4.48
C LEU A 248 5.36 -5.81 5.67
N LEU A 249 4.34 -6.07 6.48
CA LEU A 249 4.42 -7.20 7.44
C LEU A 249 4.71 -8.54 6.79
N GLY A 250 4.30 -8.70 5.54
CA GLY A 250 4.54 -9.92 4.78
C GLY A 250 3.38 -10.93 4.87
N ASN A 251 2.29 -10.57 5.60
CA ASN A 251 1.06 -11.37 5.74
C ASN A 251 -0.08 -10.44 6.08
N SER A 252 -1.32 -10.85 5.78
CA SER A 252 -2.49 -10.02 6.06
C SER A 252 -2.78 -10.00 7.53
N LEU A 253 -3.37 -8.90 7.95
CA LEU A 253 -3.60 -8.60 9.34
C LEU A 253 -5.00 -9.04 9.74
N ILE A 254 -5.07 -9.66 10.91
CA ILE A 254 -6.31 -9.77 11.67
C ILE A 254 -6.14 -8.81 12.88
N GLY A 255 -6.74 -7.63 12.74
CA GLY A 255 -6.61 -6.54 13.72
C GLY A 255 -7.15 -5.23 13.18
N GLU A 256 -7.04 -4.20 14.01
CA GLU A 256 -7.37 -2.84 13.69
C GLU A 256 -6.12 -1.95 13.65
N PHE A 257 -6.07 -1.05 12.66
CA PHE A 257 -5.09 0.03 12.57
C PHE A 257 -5.81 1.34 12.79
N ARG A 258 -5.25 2.20 13.65
CA ARG A 258 -5.67 3.60 13.79
C ARG A 258 -4.47 4.50 13.59
N GLY A 259 -4.57 5.43 12.66
CA GLY A 259 -3.54 6.43 12.39
C GLY A 259 -4.04 7.84 12.68
N PHE A 260 -3.17 8.63 13.33
CA PHE A 260 -3.48 10.00 13.72
C PHE A 260 -2.30 10.79 13.20
N LYS A 261 -2.47 11.33 11.98
CA LYS A 261 -1.44 12.19 11.33
C LYS A 261 -0.17 11.38 10.99
N SER A 262 -0.29 10.06 10.91
CA SER A 262 0.84 9.22 10.64
C SER A 262 1.14 9.16 9.13
N GLY A 263 2.43 9.10 8.82
CA GLY A 263 2.95 8.90 7.45
C GLY A 263 3.69 7.59 7.35
N HIS A 264 4.49 7.45 6.28
CA HIS A 264 5.19 6.24 5.95
C HIS A 264 6.17 5.89 7.07
N ALA A 265 6.83 6.91 7.61
CA ALA A 265 7.88 6.73 8.61
C ALA A 265 7.31 6.07 9.88
N LEU A 266 6.27 6.70 10.44
CA LEU A 266 5.63 6.22 11.65
C LEU A 266 4.95 4.87 11.44
N ASN A 267 4.30 4.68 10.30
CA ASN A 267 3.74 3.39 9.93
C ASN A 267 4.82 2.31 10.01
N ASN A 268 6.01 2.61 9.46
CA ASN A 268 7.13 1.66 9.49
C ASN A 268 7.64 1.40 10.93
N GLN A 269 7.74 2.44 11.77
CA GLN A 269 8.06 2.25 13.19
C GLN A 269 7.08 1.35 13.87
N LEU A 270 5.79 1.56 13.61
CA LEU A 270 4.76 0.70 14.15
C LEU A 270 4.99 -0.75 13.76
N LEU A 271 5.26 -1.00 12.49
CA LEU A 271 5.54 -2.38 12.06
C LEU A 271 6.75 -2.97 12.79
N ARG A 272 7.79 -2.18 12.94
CA ARG A 272 9.03 -2.62 13.61
C ARG A 272 8.78 -2.99 15.05
N THR A 273 8.04 -2.16 15.74
CA THR A 273 7.72 -2.37 17.14
C THR A 273 6.85 -3.59 17.30
N LEU A 274 5.87 -3.77 16.39
CA LEU A 274 5.00 -4.95 16.44
C LEU A 274 5.82 -6.21 16.26
N ILE A 275 6.64 -6.24 15.21
CA ILE A 275 7.44 -7.44 14.89
C ILE A 275 8.27 -7.80 16.11
N ALA A 276 8.94 -6.80 16.68
CA ALA A 276 9.75 -6.98 17.87
C ALA A 276 8.96 -7.50 19.10
N ASP A 277 7.75 -7.05 19.28
CA ASP A 277 7.01 -7.42 20.47
C ASP A 277 6.21 -8.65 20.20
N LYS A 278 6.88 -9.79 20.38
CA LYS A 278 6.27 -11.06 19.98
C LYS A 278 5.15 -11.51 20.88
N ASP A 279 4.98 -10.93 22.06
CA ASP A 279 3.72 -11.23 22.79
C ASP A 279 2.46 -10.53 22.18
N ALA A 280 2.64 -9.50 21.34
CA ALA A 280 1.50 -8.80 20.77
C ALA A 280 0.88 -9.44 19.50
N TRP A 281 1.39 -10.56 18.99
CA TRP A 281 0.90 -11.14 17.76
C TRP A 281 1.31 -12.61 17.65
N GLU A 282 0.57 -13.32 16.80
CA GLU A 282 0.84 -14.72 16.44
C GLU A 282 0.41 -14.95 14.97
N VAL A 283 0.93 -16.01 14.35
CA VAL A 283 0.62 -16.33 12.96
C VAL A 283 -0.56 -17.29 13.04
N VAL A 284 -1.65 -17.03 12.32
CA VAL A 284 -2.76 -17.99 12.32
C VAL A 284 -3.18 -18.36 10.88
N THR A 285 -3.80 -19.53 10.74
CA THR A 285 -4.42 -19.92 9.52
C THR A 285 -5.87 -20.30 9.84
N PHE A 286 -6.68 -20.40 8.80
CA PHE A 286 -8.12 -20.74 8.96
C PHE A 286 -8.37 -21.97 8.06
N GLU A 287 -8.38 -23.15 8.68
CA GLU A 287 -8.64 -24.39 7.92
C GLU A 287 -10.07 -24.52 7.44
N ASP A 288 -10.98 -23.68 7.93
CA ASP A 288 -12.34 -23.66 7.41
C ASP A 288 -12.70 -22.23 7.08
N ALA A 289 -12.86 -21.93 5.80
CA ALA A 289 -13.15 -20.56 5.37
C ALA A 289 -14.48 -20.10 5.97
N ARG A 290 -15.35 -21.07 6.23
CA ARG A 290 -16.70 -20.78 6.64
C ARG A 290 -16.76 -20.14 8.02
N THR A 291 -15.75 -20.34 8.87
CA THR A 291 -15.79 -19.83 10.22
C THR A 291 -14.80 -18.72 10.47
N ALA A 292 -14.05 -18.33 9.44
CA ALA A 292 -13.01 -17.30 9.52
C ALA A 292 -13.68 -15.93 9.75
N PRO A 293 -12.97 -15.00 10.44
CA PRO A 293 -13.54 -13.67 10.61
C PRO A 293 -13.41 -12.79 9.36
N ILE A 294 -12.75 -13.23 8.29
CA ILE A 294 -12.69 -12.45 7.05
C ILE A 294 -12.97 -13.36 5.89
N SER A 295 -13.32 -12.76 4.77
CA SER A 295 -13.49 -13.48 3.52
C SER A 295 -13.02 -12.65 2.31
N TYR A 296 -12.82 -13.36 1.22
CA TYR A 296 -12.24 -12.79 0.00
C TYR A 296 -13.14 -13.16 -1.13
N MET A 297 -13.14 -12.32 -2.13
CA MET A 297 -13.99 -12.58 -3.29
C MET A 297 -13.44 -13.74 -4.11
N ARG A 298 -14.29 -14.30 -4.96
CA ARG A 298 -13.85 -15.38 -5.86
C ARG A 298 -12.57 -15.00 -6.65
N PRO A 299 -11.73 -16.01 -6.98
CA PRO A 299 -10.42 -15.72 -7.60
C PRO A 299 -10.50 -15.39 -9.09
#